data_5TTZ
#
_entry.id   5TTZ
#
_cell.length_a   65.237
_cell.length_b   84.420
_cell.length_c   95.473
_cell.angle_alpha   90.00
_cell.angle_beta   90.00
_cell.angle_gamma   90.00
#
_symmetry.space_group_name_H-M   'P 21 21 21'
#
loop_
_entity.id
_entity.type
_entity.pdbx_description
1 polymer Endoplasmin
2 non-polymer 'methyl 2-(2-{1-[(4-bromophenyl)methyl]-1H-imidazol-2-yl}ethyl)-3-chloro-4,6-dihydroxybenzoate'
3 non-polymer DI(HYDROXYETHYL)ETHER
4 non-polymer 'TETRAETHYLENE GLYCOL'
5 non-polymer 'TRIETHYLENE GLYCOL'
6 non-polymer 2-{2-[2-(2-{2-[2-(2-ETHOXY-ETHOXY)-ETHOXY]-ETHOXY}-ETHOXY)-ETHOXY]-ETHOXY}-ETHANOL
7 water water
#
_entity_poly.entity_id   1
_entity_poly.type   'polypeptide(L)'
_entity_poly.pdbx_seq_one_letter_code
;SLREKSEKFAFQAEVNRMMKLIINSLYKNKEIFLRELISNASDALDKIRLISLTDENALAGNEELTVKIKCDKEKNLLHV
TDTGVGMTREELVKNLGTIAKSGTSEFLNKMTEAQEDGQSTSELIGQFGVGFYSAFLVADKVIVTSKHNNDTQHIWESDS
NEFSVIADPRGNTLGRGTTITLVLKEEASDYLELDTIKNLVKKYSQFINFPIYVWSSKTGGGGKTVWDWELMN
;
_entity_poly.pdbx_strand_id   A,B
#
# COMPACT_ATOMS: atom_id res chain seq x y z
N GLU A 7 5.16 9.39 13.04
CA GLU A 7 4.45 8.24 13.58
C GLU A 7 3.33 8.65 14.56
N LYS A 8 3.60 9.67 15.38
CA LYS A 8 2.58 10.16 16.31
C LYS A 8 1.71 11.21 15.61
N PHE A 9 0.43 11.29 15.97
CA PHE A 9 -0.51 12.17 15.30
C PHE A 9 -1.50 12.78 16.27
N ALA A 10 -1.99 13.97 15.93
CA ALA A 10 -3.05 14.63 16.68
C ALA A 10 -4.41 14.37 16.04
N PHE A 11 -5.42 14.10 16.86
CA PHE A 11 -6.79 14.03 16.37
C PHE A 11 -7.19 15.39 15.81
N GLN A 12 -8.01 15.39 14.77
CA GLN A 12 -8.61 16.63 14.29
C GLN A 12 -9.59 17.11 15.37
N ALA A 13 -9.78 18.42 15.49
CA ALA A 13 -10.62 19.00 16.53
C ALA A 13 -12.02 18.39 16.57
N GLU A 14 -12.63 18.23 15.39
CA GLU A 14 -14.00 17.73 15.31
C GLU A 14 -14.13 16.32 15.84
N VAL A 15 -13.09 15.53 15.63
CA VAL A 15 -13.03 14.19 16.17
C VAL A 15 -12.91 14.22 17.70
N ASN A 16 -12.12 15.16 18.24
CA ASN A 16 -12.05 15.31 19.69
C ASN A 16 -13.42 15.65 20.28
N ARG A 17 -14.11 16.62 19.68
CA ARG A 17 -15.46 17.00 20.12
C ARG A 17 -16.41 15.81 20.00
N MET A 18 -16.30 15.11 18.88
CA MET A 18 -17.17 13.99 18.61
C MET A 18 -16.97 12.90 19.64
N MET A 19 -15.71 12.58 19.92
CA MET A 19 -15.42 11.58 20.92
C MET A 19 -16.05 11.99 22.23
N LYS A 20 -16.03 13.28 22.55
CA LYS A 20 -16.57 13.72 23.81
C LYS A 20 -18.09 13.58 23.82
N LEU A 21 -18.74 14.07 22.76
CA LEU A 21 -20.19 13.97 22.63
C LEU A 21 -20.64 12.52 22.75
N ILE A 22 -19.96 11.63 22.04
CA ILE A 22 -20.23 10.19 22.13
C ILE A 22 -20.11 9.68 23.56
N ILE A 23 -18.95 9.92 24.17
CA ILE A 23 -18.68 9.48 25.53
C ILE A 23 -19.65 10.11 26.52
N ASN A 24 -20.02 11.36 26.27
CA ASN A 24 -20.91 12.11 27.18
C ASN A 24 -22.39 11.99 26.88
N SER A 25 -22.80 11.02 26.07
CA SER A 25 -24.22 10.83 25.82
C SER A 25 -24.60 9.36 26.00
N LEU A 26 -23.62 8.47 25.89
CA LEU A 26 -23.85 7.05 26.09
C LEU A 26 -23.25 6.56 27.40
N TYR A 27 -23.04 7.48 28.34
CA TYR A 27 -22.57 7.17 29.69
C TYR A 27 -23.44 6.06 30.31
N LYS A 28 -24.75 6.14 30.10
CA LYS A 28 -25.71 5.13 30.57
C LYS A 28 -25.57 3.75 29.88
N ASN A 29 -25.88 3.66 28.59
CA ASN A 29 -25.79 2.38 27.86
C ASN A 29 -24.42 2.12 27.21
N LYS A 30 -23.46 1.70 28.01
CA LYS A 30 -22.10 1.45 27.51
C LYS A 30 -22.01 0.26 26.58
N GLU A 31 -22.96 -0.65 26.70
CA GLU A 31 -22.90 -1.91 25.96
C GLU A 31 -22.88 -1.70 24.44
N ILE A 32 -23.27 -0.49 24.03
CA ILE A 32 -23.42 -0.16 22.63
C ILE A 32 -22.12 -0.29 21.85
N PHE A 33 -20.98 -0.08 22.50
CA PHE A 33 -19.67 -0.16 21.83
C PHE A 33 -19.53 -1.49 21.05
N LEU A 34 -20.04 -2.57 21.62
CA LEU A 34 -19.95 -3.88 21.01
C LEU A 34 -20.92 -3.99 19.81
N ARG A 35 -22.08 -3.34 19.89
CA ARG A 35 -22.99 -3.27 18.76
C ARG A 35 -22.31 -2.62 17.58
N GLU A 36 -21.69 -1.47 17.84
CA GLU A 36 -21.08 -0.72 16.77
C GLU A 36 -19.85 -1.41 16.18
N LEU A 37 -19.08 -2.12 17.00
CA LEU A 37 -17.89 -2.79 16.48
C LEU A 37 -18.29 -3.94 15.57
N ILE A 38 -19.30 -4.69 15.99
CA ILE A 38 -19.87 -5.75 15.16
C ILE A 38 -20.46 -5.17 13.87
N SER A 39 -21.15 -4.03 13.98
CA SER A 39 -21.68 -3.37 12.80
C SER A 39 -20.58 -2.96 11.81
N ASN A 40 -19.51 -2.34 12.30
CA ASN A 40 -18.41 -1.95 11.41
C ASN A 40 -17.68 -3.16 10.84
N ALA A 41 -17.66 -4.25 11.59
CA ALA A 41 -17.02 -5.44 11.13
C ALA A 41 -17.76 -6.00 9.93
N SER A 42 -19.09 -5.99 10.00
CA SER A 42 -19.95 -6.43 8.90
C SER A 42 -19.68 -5.60 7.66
N ASP A 43 -19.66 -4.28 7.84
CA ASP A 43 -19.40 -3.37 6.74
C ASP A 43 -18.08 -3.67 6.05
N ALA A 44 -17.07 -4.01 6.83
CA ALA A 44 -15.76 -4.32 6.28
C ALA A 44 -15.82 -5.53 5.36
N LEU A 45 -16.61 -6.52 5.77
CA LEU A 45 -16.78 -7.74 5.00
C LEU A 45 -17.62 -7.47 3.73
N ASP A 46 -18.61 -6.59 3.85
CA ASP A 46 -19.40 -6.17 2.71
C ASP A 46 -18.47 -5.54 1.68
N LYS A 47 -17.62 -4.64 2.16
CA LYS A 47 -16.69 -3.90 1.31
C LYS A 47 -15.80 -4.88 0.54
N ILE A 48 -15.28 -5.90 1.23
CA ILE A 48 -14.36 -6.80 0.55
C ILE A 48 -15.15 -7.76 -0.34
N ARG A 49 -16.33 -8.21 0.07
CA ARG A 49 -17.19 -9.02 -0.80
C ARG A 49 -17.53 -8.33 -2.12
N LEU A 50 -17.99 -7.09 -2.01
CA LEU A 50 -18.21 -6.28 -3.19
C LEU A 50 -16.95 -6.29 -4.08
N ILE A 51 -15.81 -6.00 -3.48
CA ILE A 51 -14.56 -5.94 -4.22
C ILE A 51 -14.33 -7.32 -4.86
N SER A 52 -14.77 -8.39 -4.20
CA SER A 52 -14.51 -9.72 -4.73
C SER A 52 -15.38 -9.99 -5.95
N LEU A 53 -16.42 -9.18 -6.15
CA LEU A 53 -17.26 -9.35 -7.33
C LEU A 53 -16.46 -9.11 -8.58
N THR A 54 -15.54 -8.15 -8.54
CA THR A 54 -14.80 -7.78 -9.75
C THR A 54 -13.31 -8.09 -9.67
N ASP A 55 -12.93 -8.92 -8.70
CA ASP A 55 -11.55 -9.32 -8.50
C ASP A 55 -11.48 -10.73 -7.87
N GLU A 56 -11.14 -11.77 -8.63
CA GLU A 56 -11.13 -13.13 -8.03
C GLU A 56 -9.97 -13.25 -7.05
N ASN A 57 -9.04 -12.32 -7.16
CA ASN A 57 -7.86 -12.31 -6.31
C ASN A 57 -8.08 -11.56 -4.98
N ALA A 58 -9.29 -11.03 -4.79
CA ALA A 58 -9.56 -10.16 -3.65
C ALA A 58 -9.39 -10.86 -2.32
N LEU A 59 -9.81 -12.12 -2.26
CA LEU A 59 -9.86 -12.86 -1.00
C LEU A 59 -8.65 -13.79 -0.81
N ALA A 60 -7.56 -13.50 -1.52
CA ALA A 60 -6.37 -14.36 -1.52
C ALA A 60 -5.72 -14.45 -0.15
N GLY A 61 -5.69 -13.32 0.55
CA GLY A 61 -5.06 -13.21 1.85
C GLY A 61 -5.81 -13.95 2.95
N ASN A 62 -7.04 -14.37 2.66
CA ASN A 62 -7.86 -15.11 3.60
C ASN A 62 -9.13 -15.64 2.93
N GLU A 63 -9.23 -16.96 2.84
CA GLU A 63 -10.40 -17.58 2.23
C GLU A 63 -11.71 -17.29 2.99
N GLU A 64 -11.65 -16.95 4.28
CA GLU A 64 -12.90 -16.85 5.03
C GLU A 64 -13.39 -15.40 5.14
N LEU A 65 -14.69 -15.27 5.44
CA LEU A 65 -15.37 -13.99 5.67
C LEU A 65 -16.13 -14.08 6.98
N THR A 66 -15.41 -13.80 8.08
CA THR A 66 -15.95 -13.97 9.40
C THR A 66 -15.68 -12.79 10.34
N VAL A 67 -16.31 -12.85 11.52
CA VAL A 67 -15.94 -12.08 12.69
C VAL A 67 -15.56 -13.02 13.83
N LYS A 68 -14.34 -12.92 14.33
CA LYS A 68 -13.90 -13.75 15.46
C LYS A 68 -13.73 -12.89 16.71
N ILE A 69 -14.40 -13.25 17.80
CA ILE A 69 -14.24 -12.48 19.05
C ILE A 69 -13.56 -13.30 20.15
N LYS A 70 -12.54 -12.71 20.77
CA LYS A 70 -11.72 -13.43 21.74
C LYS A 70 -11.54 -12.62 23.04
N CYS A 71 -11.87 -13.27 24.15
CA CYS A 71 -11.64 -12.68 25.45
C CYS A 71 -10.29 -13.07 26.03
N ASP A 72 -9.63 -12.11 26.66
CA ASP A 72 -8.42 -12.42 27.37
C ASP A 72 -8.57 -11.78 28.72
N LYS A 73 -9.25 -12.52 29.59
CA LYS A 73 -9.55 -12.07 30.94
C LYS A 73 -8.24 -11.70 31.57
N GLU A 74 -7.23 -12.54 31.34
CA GLU A 74 -5.92 -12.36 31.96
C GLU A 74 -5.22 -11.06 31.58
N LYS A 75 -5.14 -10.74 30.29
CA LYS A 75 -4.41 -9.56 29.84
C LYS A 75 -5.30 -8.31 29.80
N ASN A 76 -6.53 -8.44 30.32
CA ASN A 76 -7.50 -7.34 30.32
C ASN A 76 -7.85 -6.87 28.91
N LEU A 77 -7.96 -7.80 27.98
CA LEU A 77 -8.18 -7.43 26.57
C LEU A 77 -9.35 -8.14 25.92
N LEU A 78 -10.06 -7.40 25.10
CA LEU A 78 -11.11 -7.92 24.24
C LEU A 78 -10.71 -7.71 22.80
N HIS A 79 -10.71 -8.79 22.03
CA HIS A 79 -10.39 -8.72 20.61
C HIS A 79 -11.59 -8.94 19.71
N VAL A 80 -11.76 -8.06 18.73
CA VAL A 80 -12.72 -8.34 17.69
C VAL A 80 -12.05 -8.23 16.31
N THR A 81 -12.13 -9.34 15.58
CA THR A 81 -11.37 -9.50 14.36
C THR A 81 -12.32 -9.78 13.19
N ASP A 82 -12.34 -8.88 12.21
CA ASP A 82 -13.03 -9.14 10.96
C ASP A 82 -12.03 -9.48 9.86
N THR A 83 -12.47 -10.24 8.87
CA THR A 83 -11.60 -10.52 7.73
C THR A 83 -12.10 -9.71 6.54
N GLY A 84 -12.64 -8.52 6.82
CA GLY A 84 -13.05 -7.57 5.80
C GLY A 84 -11.90 -6.97 5.01
N VAL A 85 -12.16 -5.81 4.40
CA VAL A 85 -11.23 -5.17 3.48
C VAL A 85 -9.91 -4.71 4.13
N GLY A 86 -9.95 -4.48 5.43
CA GLY A 86 -8.80 -3.94 6.12
C GLY A 86 -8.48 -2.50 5.75
N MET A 87 -7.43 -1.97 6.36
CA MET A 87 -7.05 -0.59 6.10
C MET A 87 -5.55 -0.44 5.86
N THR A 88 -5.21 0.40 4.89
CA THR A 88 -3.83 0.75 4.65
C THR A 88 -3.38 1.76 5.69
N ARG A 89 -2.07 2.00 5.72
CA ARG A 89 -1.51 2.99 6.63
C ARG A 89 -2.21 4.35 6.50
N GLU A 90 -2.28 4.86 5.28
CA GLU A 90 -2.93 6.13 4.98
C GLU A 90 -4.36 6.14 5.47
N GLU A 91 -5.04 5.02 5.30
CA GLU A 91 -6.46 4.92 5.67
C GLU A 91 -6.63 4.94 7.19
N LEU A 92 -5.72 4.28 7.89
CA LEU A 92 -5.69 4.34 9.34
C LEU A 92 -5.55 5.78 9.80
N VAL A 93 -4.59 6.50 9.23
CA VAL A 93 -4.37 7.89 9.63
C VAL A 93 -5.54 8.78 9.25
N LYS A 94 -6.13 8.53 8.10
CA LYS A 94 -7.23 9.38 7.63
C LYS A 94 -8.56 8.98 8.25
N ASN A 95 -8.87 7.71 8.23
CA ASN A 95 -10.24 7.32 8.54
C ASN A 95 -10.48 7.27 10.04
N LEU A 96 -9.39 7.18 10.81
CA LEU A 96 -9.54 7.17 12.25
C LEU A 96 -9.12 8.49 12.92
N GLY A 97 -8.50 9.38 12.16
CA GLY A 97 -7.98 10.63 12.71
C GLY A 97 -8.71 11.89 12.28
N THR A 98 -9.41 11.81 11.15
CA THR A 98 -10.37 12.84 10.73
C THR A 98 -11.77 12.29 10.48
N ILE A 99 -12.57 13.05 9.75
CA ILE A 99 -13.97 12.72 9.51
C ILE A 99 -14.56 13.59 8.39
N ALA A 100 -15.41 13.00 7.54
CA ALA A 100 -15.98 13.69 6.38
C ALA A 100 -17.52 13.67 6.36
N THR A 104 -20.27 16.82 8.19
CA THR A 104 -19.91 16.27 9.51
C THR A 104 -20.39 17.16 10.66
N SER A 105 -20.21 18.46 10.51
CA SER A 105 -20.49 19.34 11.63
C SER A 105 -22.00 19.47 11.91
N GLU A 106 -22.86 19.22 10.92
CA GLU A 106 -24.30 19.09 11.21
C GLU A 106 -24.52 17.93 12.15
N PHE A 107 -23.76 16.86 11.97
CA PHE A 107 -23.82 15.74 12.90
C PHE A 107 -23.49 16.21 14.33
N LEU A 108 -22.44 17.03 14.47
CA LEU A 108 -22.07 17.53 15.79
C LEU A 108 -23.13 18.47 16.40
N ASN A 109 -24.00 19.06 15.58
CA ASN A 109 -25.07 19.89 16.14
C ASN A 109 -26.36 19.13 16.40
N LYS A 110 -26.60 18.07 15.62
CA LYS A 110 -27.75 17.20 15.90
C LYS A 110 -27.52 16.49 17.24
N MET A 111 -26.26 16.10 17.46
CA MET A 111 -25.85 15.39 18.67
C MET A 111 -26.11 16.18 19.96
N THR A 112 -25.84 17.48 19.92
CA THR A 112 -26.06 18.30 21.10
C THR A 112 -27.54 18.56 21.38
N GLU A 113 -28.28 19.02 20.37
CA GLU A 113 -29.70 19.32 20.53
C GLU A 113 -30.57 18.05 20.49
N SER A 120 -33.07 10.09 21.82
CA SER A 120 -31.80 9.40 22.09
C SER A 120 -30.65 9.95 21.25
N THR A 121 -29.62 9.13 21.07
CA THR A 121 -28.45 9.51 20.28
C THR A 121 -27.58 8.29 19.96
N SER A 122 -28.02 7.12 20.38
CA SER A 122 -27.33 5.88 20.04
C SER A 122 -27.66 5.52 18.58
N GLU A 123 -28.85 5.92 18.12
CA GLU A 123 -29.23 5.69 16.74
C GLU A 123 -28.51 6.67 15.81
N LEU A 124 -28.19 7.84 16.32
CA LEU A 124 -27.52 8.85 15.51
C LEU A 124 -26.08 8.46 15.13
N ILE A 125 -25.27 8.02 16.09
CA ILE A 125 -23.91 7.60 15.75
C ILE A 125 -23.91 6.40 14.81
N GLY A 126 -24.84 5.48 15.02
CA GLY A 126 -24.98 4.36 14.11
C GLY A 126 -25.22 4.81 12.68
N GLN A 127 -26.04 5.84 12.51
CA GLN A 127 -26.39 6.36 11.20
C GLN A 127 -25.19 6.98 10.51
N PHE A 128 -24.39 7.73 11.26
CA PHE A 128 -23.26 8.47 10.68
C PHE A 128 -21.99 7.60 10.58
N GLY A 129 -22.07 6.33 11.00
CA GLY A 129 -20.98 5.37 10.80
C GLY A 129 -19.75 5.63 11.67
N VAL A 130 -19.99 6.34 12.76
CA VAL A 130 -18.95 6.95 13.57
C VAL A 130 -18.88 6.32 14.98
N GLY A 131 -19.49 5.15 15.11
CA GLY A 131 -19.53 4.46 16.39
C GLY A 131 -18.28 3.77 16.87
N PHE A 132 -17.20 3.84 16.08
CA PHE A 132 -15.92 3.27 16.49
C PHE A 132 -15.46 3.89 17.78
N TYR A 133 -15.63 5.20 17.89
CA TYR A 133 -15.12 5.97 19.00
C TYR A 133 -15.83 5.63 20.30
N SER A 134 -16.96 4.93 20.21
CA SER A 134 -17.66 4.53 21.43
C SER A 134 -16.78 3.56 22.23
N ALA A 135 -15.76 3.00 21.59
CA ALA A 135 -14.89 2.04 22.26
C ALA A 135 -14.20 2.67 23.48
N PHE A 136 -13.98 3.99 23.42
CA PHE A 136 -13.35 4.69 24.53
C PHE A 136 -14.29 4.82 25.74
N LEU A 137 -15.56 4.41 25.59
CA LEU A 137 -16.49 4.32 26.73
C LEU A 137 -16.10 3.20 27.71
N VAL A 138 -15.43 2.17 27.19
CA VAL A 138 -15.07 1.01 28.00
C VAL A 138 -13.55 0.72 28.00
N ALA A 139 -12.79 1.51 27.25
CA ALA A 139 -11.39 1.22 27.09
C ALA A 139 -10.54 2.44 27.39
N ASP A 140 -9.35 2.21 27.93
CA ASP A 140 -8.38 3.28 28.19
C ASP A 140 -7.48 3.49 26.98
N LYS A 141 -7.32 2.44 26.18
CA LYS A 141 -6.48 2.48 25.00
C LYS A 141 -7.18 1.65 23.94
N VAL A 142 -7.11 2.06 22.68
CA VAL A 142 -7.71 1.24 21.63
C VAL A 142 -6.68 0.92 20.56
N ILE A 143 -6.59 -0.34 20.15
CA ILE A 143 -5.59 -0.70 19.15
C ILE A 143 -6.23 -1.33 17.94
N VAL A 144 -5.81 -0.83 16.77
CA VAL A 144 -6.34 -1.36 15.53
C VAL A 144 -5.25 -1.95 14.67
N THR A 145 -5.33 -3.25 14.52
CA THR A 145 -4.38 -3.97 13.67
C THR A 145 -5.08 -4.29 12.38
N SER A 146 -4.46 -3.91 11.27
CA SER A 146 -5.13 -3.95 9.99
C SER A 146 -4.21 -4.36 8.85
N LYS A 147 -4.68 -5.32 8.05
CA LYS A 147 -4.00 -5.74 6.83
C LYS A 147 -4.92 -5.52 5.61
N HIS A 148 -4.49 -4.61 4.75
CA HIS A 148 -5.20 -4.30 3.51
C HIS A 148 -4.48 -4.97 2.34
N ASN A 149 -5.23 -5.41 1.32
CA ASN A 149 -4.58 -6.10 0.19
C ASN A 149 -3.45 -5.27 -0.46
N ASN A 150 -3.58 -3.95 -0.41
CA ASN A 150 -2.62 -3.04 -1.02
C ASN A 150 -1.47 -2.64 -0.11
N ASP A 151 -1.39 -3.23 1.08
CA ASP A 151 -0.39 -2.74 2.00
C ASP A 151 0.04 -3.80 3.01
N THR A 152 1.06 -3.47 3.79
CA THR A 152 1.51 -4.37 4.83
C THR A 152 0.72 -4.07 6.11
N GLN A 153 0.81 -4.98 7.07
CA GLN A 153 0.10 -4.85 8.34
C GLN A 153 0.64 -3.68 9.15
N HIS A 154 -0.26 -2.81 9.60
CA HIS A 154 0.07 -1.64 10.43
C HIS A 154 -0.77 -1.64 11.68
N ILE A 155 -0.34 -0.88 12.68
CA ILE A 155 -1.01 -0.80 13.98
C ILE A 155 -1.28 0.64 14.36
N TRP A 156 -2.52 0.89 14.77
CA TRP A 156 -3.01 2.18 15.19
C TRP A 156 -3.32 2.06 16.66
N GLU A 157 -2.75 2.94 17.47
CA GLU A 157 -2.95 2.88 18.90
C GLU A 157 -3.36 4.26 19.39
N SER A 158 -4.23 4.31 20.38
CA SER A 158 -4.59 5.60 20.92
C SER A 158 -5.12 5.45 22.32
N ASP A 159 -4.84 6.45 23.15
CA ASP A 159 -5.44 6.50 24.47
C ASP A 159 -6.45 7.62 24.45
N SER A 160 -6.76 8.10 23.23
CA SER A 160 -7.67 9.22 22.96
C SER A 160 -7.00 10.58 22.95
N ASN A 161 -5.77 10.66 23.42
CA ASN A 161 -5.13 11.95 23.56
C ASN A 161 -4.18 12.24 22.41
N GLU A 162 -4.06 11.24 21.56
CA GLU A 162 -3.23 11.27 20.39
C GLU A 162 -3.35 9.89 19.80
N PHE A 163 -2.74 9.64 18.65
CA PHE A 163 -2.63 8.28 18.18
C PHE A 163 -1.35 8.11 17.40
N SER A 164 -0.91 6.88 17.26
CA SER A 164 0.23 6.60 16.42
C SER A 164 -0.08 5.41 15.53
N VAL A 165 0.55 5.42 14.37
CA VAL A 165 0.44 4.34 13.44
C VAL A 165 1.83 3.84 13.22
N ILE A 166 2.02 2.55 13.38
CA ILE A 166 3.34 1.96 13.17
C ILE A 166 3.21 0.76 12.25
N ALA A 167 4.25 0.44 11.50
CA ALA A 167 4.32 -0.86 10.86
C ALA A 167 4.30 -1.99 11.91
N ASP A 168 3.46 -2.99 11.70
CA ASP A 168 3.39 -4.15 12.57
C ASP A 168 4.63 -5.03 12.42
N PRO A 169 5.46 -5.10 13.48
CA PRO A 169 6.74 -5.84 13.47
C PRO A 169 6.57 -7.32 13.23
N ARG A 170 5.35 -7.82 13.42
CA ARG A 170 5.04 -9.23 13.33
C ARG A 170 4.76 -9.68 11.89
N GLY A 171 4.66 -8.71 10.98
CA GLY A 171 4.37 -9.00 9.60
C GLY A 171 2.89 -9.26 9.37
N ASN A 172 2.57 -9.97 8.30
CA ASN A 172 1.18 -10.22 7.92
C ASN A 172 0.66 -11.43 8.65
N THR A 173 0.05 -11.20 9.80
CA THR A 173 -0.48 -12.30 10.58
C THR A 173 -2.00 -12.41 10.32
N LEU A 174 -2.62 -11.32 9.94
CA LEU A 174 -4.07 -11.28 9.72
C LEU A 174 -4.48 -11.90 8.38
N GLY A 175 -3.56 -11.94 7.43
CA GLY A 175 -3.92 -12.33 6.08
C GLY A 175 -4.61 -11.18 5.38
N ARG A 176 -5.76 -10.78 5.93
CA ARG A 176 -6.48 -9.58 5.48
C ARG A 176 -7.52 -9.22 6.50
N GLY A 177 -7.63 -7.93 6.79
CA GLY A 177 -8.64 -7.51 7.75
C GLY A 177 -8.17 -6.65 8.89
N THR A 178 -8.86 -6.78 9.99
CA THR A 178 -8.73 -5.84 11.07
C THR A 178 -9.03 -6.51 12.40
N THR A 179 -8.15 -6.26 13.38
CA THR A 179 -8.50 -6.58 14.76
C THR A 179 -8.58 -5.28 15.51
N ILE A 180 -9.67 -5.14 16.23
CA ILE A 180 -9.83 -4.08 17.22
C ILE A 180 -9.50 -4.64 18.59
N THR A 181 -8.58 -4.02 19.29
CA THR A 181 -8.23 -4.53 20.60
C THR A 181 -8.49 -3.49 21.66
N LEU A 182 -9.24 -3.86 22.68
CA LEU A 182 -9.53 -2.90 23.74
C LEU A 182 -8.86 -3.27 25.07
N VAL A 183 -8.07 -2.32 25.58
CA VAL A 183 -7.56 -2.43 26.93
C VAL A 183 -8.62 -1.89 27.89
N LEU A 184 -9.36 -2.79 28.54
CA LEU A 184 -10.58 -2.38 29.24
C LEU A 184 -10.36 -1.58 30.51
N LYS A 185 -11.26 -0.64 30.78
CA LYS A 185 -11.18 0.17 31.98
C LYS A 185 -11.30 -0.69 33.22
N GLU A 186 -11.07 -0.08 34.38
CA GLU A 186 -11.24 -0.78 35.64
C GLU A 186 -12.67 -1.31 35.71
N GLU A 187 -13.65 -0.43 35.49
CA GLU A 187 -15.06 -0.77 35.70
C GLU A 187 -15.66 -1.59 34.57
N ALA A 188 -14.92 -1.74 33.46
CA ALA A 188 -15.45 -2.41 32.28
C ALA A 188 -15.00 -3.87 32.21
N SER A 189 -14.53 -4.37 33.35
CA SER A 189 -14.03 -5.74 33.45
C SER A 189 -15.13 -6.77 33.25
N ASP A 190 -16.36 -6.40 33.61
CA ASP A 190 -17.51 -7.25 33.35
C ASP A 190 -17.46 -7.84 31.94
N TYR A 191 -17.03 -7.05 30.96
CA TYR A 191 -17.08 -7.45 29.54
C TYR A 191 -16.00 -8.47 29.14
N LEU A 192 -15.32 -9.05 30.12
CA LEU A 192 -14.31 -10.09 29.87
C LEU A 192 -14.92 -11.45 30.11
N GLU A 193 -16.06 -11.47 30.79
CA GLU A 193 -16.68 -12.71 31.14
C GLU A 193 -17.26 -13.25 29.86
N LEU A 194 -16.99 -14.51 29.56
CA LEU A 194 -17.47 -15.12 28.33
C LEU A 194 -19.00 -15.18 28.31
N ASP A 195 -19.58 -15.36 29.49
CA ASP A 195 -21.03 -15.30 29.70
C ASP A 195 -21.62 -14.04 29.03
N THR A 196 -21.04 -12.91 29.42
CA THR A 196 -21.44 -11.57 29.04
C THR A 196 -21.28 -11.26 27.55
N ILE A 197 -20.13 -11.59 26.99
CA ILE A 197 -19.86 -11.27 25.59
C ILE A 197 -20.71 -12.10 24.63
N LYS A 198 -20.84 -13.40 24.94
CA LYS A 198 -21.72 -14.33 24.21
C LYS A 198 -23.10 -13.75 24.19
N ASN A 199 -23.53 -13.28 25.35
CA ASN A 199 -24.85 -12.71 25.48
C ASN A 199 -25.03 -11.44 24.63
N LEU A 200 -24.03 -10.57 24.71
CA LEU A 200 -24.06 -9.28 24.04
C LEU A 200 -23.96 -9.42 22.52
N VAL A 201 -23.14 -10.36 22.05
CA VAL A 201 -23.05 -10.62 20.61
C VAL A 201 -24.34 -11.26 20.09
N LYS A 202 -24.88 -12.24 20.82
CA LYS A 202 -26.15 -12.87 20.47
C LYS A 202 -27.17 -11.78 20.16
N LYS A 203 -27.24 -10.81 21.05
CA LYS A 203 -28.17 -9.69 20.94
C LYS A 203 -27.90 -8.87 19.68
N TYR A 204 -26.66 -8.39 19.57
CA TYR A 204 -26.28 -7.41 18.56
C TYR A 204 -25.78 -8.00 17.25
N SER A 205 -26.12 -9.26 16.95
CA SER A 205 -25.60 -9.87 15.74
C SER A 205 -26.63 -10.68 14.97
N GLN A 206 -27.90 -10.48 15.29
CA GLN A 206 -28.94 -11.16 14.54
C GLN A 206 -29.01 -10.60 13.11
N PHE A 207 -28.94 -9.28 12.97
CA PHE A 207 -29.20 -8.67 11.66
C PHE A 207 -27.98 -8.79 10.77
N ILE A 208 -26.90 -9.35 11.31
CA ILE A 208 -25.64 -9.41 10.59
C ILE A 208 -25.61 -10.72 9.81
N ASN A 209 -25.20 -10.63 8.54
CA ASN A 209 -25.11 -11.86 7.75
C ASN A 209 -23.72 -12.17 7.24
N PHE A 210 -22.82 -12.23 8.21
CA PHE A 210 -21.60 -12.99 8.16
C PHE A 210 -21.55 -13.81 9.47
N PRO A 211 -20.90 -14.98 9.45
CA PRO A 211 -20.87 -15.72 10.73
C PRO A 211 -20.02 -15.01 11.80
N ILE A 212 -20.52 -14.98 13.03
CA ILE A 212 -19.75 -14.40 14.13
C ILE A 212 -19.46 -15.45 15.19
N TYR A 213 -18.19 -15.69 15.45
CA TYR A 213 -17.80 -16.69 16.42
C TYR A 213 -17.26 -16.05 17.68
N VAL A 214 -17.49 -16.72 18.80
CA VAL A 214 -16.81 -16.34 20.03
C VAL A 214 -15.95 -17.51 20.50
N TRP A 215 -14.68 -17.24 20.82
CA TRP A 215 -13.75 -18.26 21.34
C TRP A 215 -14.20 -18.71 22.75
N SER A 216 -14.67 -19.95 22.88
CA SER A 216 -15.40 -20.37 24.09
C SER A 216 -14.88 -21.61 24.80
N SER A 217 -15.45 -21.87 25.96
CA SER A 217 -15.09 -23.04 26.75
C SER A 217 -16.24 -24.04 26.79
N LYS A 218 -15.94 -25.26 26.37
CA LYS A 218 -16.88 -26.38 26.42
C LYS A 218 -16.26 -27.48 27.28
N THR A 219 -17.07 -28.42 27.74
CA THR A 219 -16.56 -29.49 28.59
C THR A 219 -16.11 -30.67 27.73
N THR A 225 -12.22 -29.88 29.64
CA THR A 225 -12.46 -28.47 29.36
C THR A 225 -11.66 -27.96 28.14
N VAL A 226 -12.36 -27.68 27.06
CA VAL A 226 -11.73 -27.38 25.77
C VAL A 226 -12.00 -25.95 25.28
N TRP A 227 -11.30 -25.54 24.22
CA TRP A 227 -11.52 -24.23 23.62
C TRP A 227 -11.65 -24.28 22.10
N ASP A 228 -12.68 -23.63 21.57
CA ASP A 228 -12.88 -23.52 20.13
C ASP A 228 -13.83 -22.36 19.79
N TRP A 229 -13.91 -22.03 18.50
CA TRP A 229 -14.87 -21.04 18.04
C TRP A 229 -16.26 -21.57 18.21
N GLU A 230 -17.12 -20.75 18.79
CA GLU A 230 -18.52 -21.09 18.91
C GLU A 230 -19.36 -20.06 18.13
N LEU A 231 -20.27 -20.56 17.28
CA LEU A 231 -21.07 -19.68 16.42
C LEU A 231 -22.19 -19.01 17.21
N MET A 232 -22.42 -17.72 16.95
CA MET A 232 -23.38 -16.95 17.73
C MET A 232 -24.56 -16.41 16.94
N ASN A 233 -24.59 -16.73 15.64
CA ASN A 233 -25.69 -16.27 14.81
C ASN A 233 -25.96 -17.27 13.69
N GLU B 7 32.40 13.28 -18.94
CA GLU B 7 31.69 12.23 -18.19
C GLU B 7 30.65 12.77 -17.22
N LYS B 8 30.98 13.83 -16.50
CA LYS B 8 29.99 14.44 -15.59
C LYS B 8 29.14 15.50 -16.29
N PHE B 9 27.89 15.59 -15.86
CA PHE B 9 26.94 16.49 -16.49
C PHE B 9 26.00 17.13 -15.49
N ALA B 10 25.53 18.32 -15.84
CA ALA B 10 24.50 19.00 -15.09
C ALA B 10 23.16 18.76 -15.75
N PHE B 11 22.14 18.49 -14.94
CA PHE B 11 20.79 18.48 -15.47
C PHE B 11 20.42 19.86 -16.01
N GLN B 12 19.60 19.91 -17.06
CA GLN B 12 19.05 21.19 -17.53
C GLN B 12 18.07 21.73 -16.45
N ALA B 13 17.90 23.06 -16.38
CA ALA B 13 17.05 23.66 -15.36
C ALA B 13 15.62 23.08 -15.31
N GLU B 14 14.97 22.92 -16.45
CA GLU B 14 13.58 22.45 -16.48
C GLU B 14 13.43 21.01 -15.94
N VAL B 15 14.45 20.18 -16.15
CA VAL B 15 14.43 18.84 -15.59
C VAL B 15 14.55 18.89 -14.06
N ASN B 16 15.36 19.81 -13.56
CA ASN B 16 15.47 20.03 -12.13
C ASN B 16 14.13 20.40 -11.54
N ARG B 17 13.45 21.34 -12.20
CA ARG B 17 12.12 21.75 -11.76
C ARG B 17 11.18 20.55 -11.82
N MET B 18 11.27 19.78 -12.88
CA MET B 18 10.39 18.64 -13.05
C MET B 18 10.62 17.61 -11.97
N MET B 19 11.89 17.31 -11.68
CA MET B 19 12.17 16.34 -10.65
C MET B 19 11.51 16.78 -9.34
N LYS B 20 11.55 18.07 -9.05
CA LYS B 20 11.00 18.56 -7.80
C LYS B 20 9.48 18.50 -7.81
N LEU B 21 8.85 18.97 -8.89
CA LEU B 21 7.41 18.91 -9.06
C LEU B 21 6.91 17.48 -8.88
N ILE B 22 7.60 16.52 -9.50
CA ILE B 22 7.24 15.13 -9.32
C ILE B 22 7.32 14.74 -7.84
N ILE B 23 8.48 14.96 -7.26
CA ILE B 23 8.72 14.62 -5.85
C ILE B 23 7.79 15.39 -4.89
N ASN B 24 7.47 16.64 -5.22
CA ASN B 24 6.62 17.47 -4.37
C ASN B 24 5.11 17.33 -4.66
N SER B 25 4.73 16.27 -5.36
CA SER B 25 3.32 16.03 -5.61
C SER B 25 2.90 14.57 -5.40
N LEU B 26 3.85 13.66 -5.54
CA LEU B 26 3.54 12.24 -5.42
C LEU B 26 4.13 11.64 -4.15
N TYR B 27 4.56 12.51 -3.23
CA TYR B 27 5.12 12.07 -1.96
C TYR B 27 4.11 11.13 -1.32
N LYS B 28 2.83 11.52 -1.40
CA LYS B 28 1.71 10.73 -0.91
C LYS B 28 1.53 9.50 -1.77
CA ASN B 29 1.46 7.10 -3.95
C ASN B 29 2.91 6.97 -4.43
N LYS B 30 3.82 6.55 -3.56
CA LYS B 30 5.19 6.33 -4.02
C LYS B 30 5.24 5.15 -4.96
N GLU B 31 4.28 4.23 -4.83
CA GLU B 31 4.28 2.98 -5.62
C GLU B 31 4.18 3.19 -7.13
N ILE B 32 3.81 4.40 -7.53
CA ILE B 32 3.65 4.74 -8.93
C ILE B 32 5.00 4.57 -9.64
N PHE B 33 6.09 4.75 -8.91
CA PHE B 33 7.43 4.67 -9.53
C PHE B 33 7.57 3.33 -10.24
N LEU B 34 7.04 2.27 -9.67
CA LEU B 34 7.19 0.95 -10.26
C LEU B 34 6.32 0.83 -11.49
N ARG B 35 5.16 1.48 -11.46
CA ARG B 35 4.30 1.53 -12.63
C ARG B 35 5.01 2.23 -13.79
N GLU B 36 5.66 3.36 -13.51
CA GLU B 36 6.28 4.10 -14.58
C GLU B 36 7.43 3.36 -15.19
N LEU B 37 8.18 2.62 -14.38
CA LEU B 37 9.37 1.88 -14.87
C LEU B 37 8.99 0.69 -15.75
N ILE B 38 7.95 -0.02 -15.34
CA ILE B 38 7.37 -1.04 -16.19
C ILE B 38 6.79 -0.42 -17.49
N SER B 39 6.15 0.73 -17.38
CA SER B 39 5.63 1.38 -18.57
C SER B 39 6.75 1.80 -19.53
N ASN B 40 7.83 2.36 -19.01
CA ASN B 40 8.95 2.73 -19.87
C ASN B 40 9.67 1.52 -20.44
N ALA B 41 9.66 0.44 -19.68
CA ALA B 41 10.31 -0.78 -20.11
C ALA B 41 9.59 -1.35 -21.34
N SER B 42 8.25 -1.34 -21.30
CA SER B 42 7.34 -1.77 -22.39
C SER B 42 7.55 -0.95 -23.66
N ASP B 43 7.56 0.37 -23.52
CA ASP B 43 7.82 1.24 -24.66
C ASP B 43 9.10 0.86 -25.36
N ALA B 44 10.12 0.54 -24.57
CA ALA B 44 11.42 0.18 -25.09
C ALA B 44 11.32 -1.08 -25.91
N LEU B 45 10.53 -2.03 -25.42
CA LEU B 45 10.33 -3.27 -26.15
C LEU B 45 9.48 -3.02 -27.43
N ASP B 46 8.51 -2.10 -27.36
CA ASP B 46 7.76 -1.70 -28.54
C ASP B 46 8.71 -1.13 -29.59
N LYS B 47 9.61 -0.26 -29.15
CA LYS B 47 10.52 0.42 -30.06
C LYS B 47 11.35 -0.58 -30.85
N ILE B 48 11.88 -1.58 -30.16
CA ILE B 48 12.78 -2.50 -30.81
C ILE B 48 11.99 -3.50 -31.67
N ARG B 49 10.81 -3.91 -31.20
CA ARG B 49 9.89 -4.73 -32.01
C ARG B 49 9.55 -4.02 -33.30
N LEU B 50 9.16 -2.75 -33.17
CA LEU B 50 9.00 -1.89 -34.33
C LEU B 50 10.24 -1.87 -35.24
N ILE B 51 11.41 -1.63 -34.65
CA ILE B 51 12.63 -1.56 -35.42
C ILE B 51 12.85 -2.91 -36.12
N SER B 52 12.44 -3.99 -35.47
CA SER B 52 12.68 -5.32 -36.03
C SER B 52 11.81 -5.62 -37.24
N LEU B 53 10.76 -4.83 -37.45
CA LEU B 53 9.91 -5.02 -38.60
C LEU B 53 10.71 -4.80 -39.89
N THR B 54 11.61 -3.81 -39.85
CA THR B 54 12.35 -3.40 -41.05
C THR B 54 13.84 -3.67 -40.96
N ASP B 55 14.24 -4.46 -39.98
CA ASP B 55 15.65 -4.79 -39.78
C ASP B 55 15.75 -6.22 -39.30
N GLU B 56 16.21 -7.09 -40.20
CA GLU B 56 16.28 -8.51 -39.91
C GLU B 56 17.31 -8.79 -38.82
N ASN B 57 18.22 -7.84 -38.59
CA ASN B 57 19.26 -7.98 -37.57
C ASN B 57 18.91 -7.43 -36.19
N ALA B 58 17.77 -6.77 -36.05
CA ALA B 58 17.49 -5.99 -34.86
C ALA B 58 17.55 -6.79 -33.56
N LEU B 59 17.15 -8.05 -33.58
CA LEU B 59 17.08 -8.80 -32.34
C LEU B 59 18.26 -9.76 -32.11
N ALA B 60 19.37 -9.52 -32.81
CA ALA B 60 20.54 -10.38 -32.74
C ALA B 60 21.20 -10.40 -31.37
N GLY B 61 21.25 -9.24 -30.71
CA GLY B 61 21.92 -9.12 -29.43
C GLY B 61 21.22 -9.81 -28.27
N ASN B 62 19.97 -10.19 -28.49
CA ASN B 62 19.15 -10.88 -27.52
C ASN B 62 17.88 -11.29 -28.24
N GLU B 63 17.68 -12.59 -28.41
CA GLU B 63 16.50 -13.10 -29.11
C GLU B 63 15.15 -12.80 -28.42
N GLU B 64 15.18 -12.53 -27.11
CA GLU B 64 13.95 -12.40 -26.31
C GLU B 64 13.49 -10.96 -26.08
N LEU B 65 12.21 -10.83 -25.73
CA LEU B 65 11.62 -9.52 -25.43
C LEU B 65 10.89 -9.56 -24.09
N THR B 66 11.61 -9.33 -22.97
CA THR B 66 11.00 -9.51 -21.65
C THR B 66 11.22 -8.33 -20.70
N VAL B 67 10.56 -8.37 -19.54
CA VAL B 67 10.98 -7.57 -18.39
C VAL B 67 11.32 -8.46 -17.18
N LYS B 68 12.55 -8.38 -16.70
CA LYS B 68 12.98 -9.16 -15.53
C LYS B 68 13.29 -8.27 -14.34
N ILE B 69 12.61 -8.51 -13.22
CA ILE B 69 12.74 -7.70 -12.00
C ILE B 69 13.37 -8.46 -10.81
N LYS B 70 14.34 -7.80 -10.17
CA LYS B 70 15.12 -8.41 -9.09
C LYS B 70 15.24 -7.57 -7.83
N CYS B 71 14.85 -8.17 -6.72
CA CYS B 71 15.07 -7.60 -5.40
C CYS B 71 16.40 -8.04 -4.90
N ASP B 72 17.09 -7.12 -4.26
CA ASP B 72 18.35 -7.43 -3.63
C ASP B 72 18.30 -6.82 -2.22
N LYS B 73 17.65 -7.53 -1.30
CA LYS B 73 17.45 -7.05 0.07
C LYS B 73 18.80 -6.66 0.68
N GLU B 74 19.78 -7.53 0.48
CA GLU B 74 21.12 -7.35 1.05
C GLU B 74 21.84 -6.08 0.56
N LYS B 75 21.86 -5.83 -0.74
CA LYS B 75 22.59 -4.68 -1.27
C LYS B 75 21.74 -3.39 -1.36
N ASN B 76 20.53 -3.41 -0.80
CA ASN B 76 19.61 -2.27 -0.82
C ASN B 76 19.24 -1.87 -2.25
N LEU B 77 19.05 -2.87 -3.11
CA LEU B 77 18.84 -2.56 -4.52
C LEU B 77 17.60 -3.22 -5.13
N LEU B 78 16.94 -2.49 -6.02
CA LEU B 78 15.89 -3.06 -6.85
C LEU B 78 16.27 -2.87 -8.31
N HIS B 79 16.24 -3.94 -9.11
CA HIS B 79 16.59 -3.88 -10.56
C HIS B 79 15.38 -4.06 -11.50
N VAL B 80 15.27 -3.21 -12.51
CA VAL B 80 14.29 -3.46 -13.59
C VAL B 80 14.94 -3.56 -14.97
N THR B 81 14.81 -4.71 -15.61
CA THR B 81 15.58 -4.98 -16.81
C THR B 81 14.68 -5.33 -17.99
N ASP B 82 14.73 -4.48 -19.00
CA ASP B 82 14.08 -4.75 -20.27
C ASP B 82 15.13 -5.14 -21.32
N THR B 83 14.69 -5.90 -22.32
CA THR B 83 15.52 -6.21 -23.46
C THR B 83 15.00 -5.43 -24.69
N GLY B 84 14.50 -4.23 -24.42
CA GLY B 84 14.10 -3.29 -25.44
C GLY B 84 15.25 -2.72 -26.26
N VAL B 85 14.99 -1.58 -26.89
CA VAL B 85 15.86 -0.91 -27.85
C VAL B 85 17.19 -0.39 -27.28
N GLY B 86 17.24 -0.21 -25.95
CA GLY B 86 18.40 0.36 -25.30
C GLY B 86 18.65 1.81 -25.67
N MET B 87 19.71 2.36 -25.10
CA MET B 87 20.11 3.74 -25.33
C MET B 87 21.61 3.85 -25.57
N THR B 88 21.98 4.66 -26.55
CA THR B 88 23.38 4.94 -26.81
C THR B 88 23.87 5.93 -25.81
N ARG B 89 25.19 6.11 -25.79
CA ARG B 89 25.81 7.07 -24.92
C ARG B 89 25.22 8.47 -25.18
N GLU B 90 25.14 8.87 -26.44
CA GLU B 90 24.60 10.18 -26.81
C GLU B 90 23.22 10.34 -26.21
N GLU B 91 22.42 9.30 -26.34
CA GLU B 91 21.04 9.33 -25.91
C GLU B 91 20.89 9.40 -24.40
N LEU B 92 21.72 8.66 -23.67
CA LEU B 92 21.71 8.73 -22.21
C LEU B 92 21.96 10.16 -21.79
N VAL B 93 23.00 10.77 -22.35
CA VAL B 93 23.32 12.15 -21.99
C VAL B 93 22.23 13.11 -22.45
N LYS B 94 21.69 12.88 -23.66
CA LYS B 94 20.70 13.81 -24.21
C LYS B 94 19.31 13.54 -23.66
N ASN B 95 18.87 12.29 -23.68
CA ASN B 95 17.48 12.02 -23.39
C ASN B 95 17.15 11.90 -21.92
N LEU B 96 18.16 11.73 -21.07
CA LEU B 96 17.92 11.69 -19.64
C LEU B 96 18.36 12.97 -18.94
N GLY B 97 18.99 13.88 -19.68
CA GLY B 97 19.50 15.11 -19.08
C GLY B 97 18.74 16.37 -19.46
N ILE B 99 19.09 17.39 -22.41
CA ILE B 99 17.79 17.27 -23.06
C ILE B 99 16.76 18.00 -22.23
N ALA B 100 15.48 17.79 -22.54
CA ALA B 100 14.40 18.44 -21.80
C ALA B 100 13.12 17.58 -21.74
N LYS B 101 12.51 17.20 -22.87
CA LYS B 101 12.89 17.54 -24.25
C LYS B 101 11.65 18.01 -24.97
N SER B 102 11.83 18.71 -26.09
CA SER B 102 10.73 19.31 -26.86
C SER B 102 9.95 20.31 -26.00
N GLY B 103 8.70 20.56 -26.37
CA GLY B 103 7.86 21.46 -25.60
C GLY B 103 7.53 20.89 -24.24
N THR B 104 8.21 21.39 -23.20
CA THR B 104 8.06 20.88 -21.82
C THR B 104 7.45 21.86 -20.83
N SER B 105 7.85 23.12 -20.90
CA SER B 105 7.51 24.07 -19.85
C SER B 105 6.00 24.24 -19.74
N GLU B 106 5.30 23.91 -20.82
CA GLU B 106 3.86 23.86 -20.82
C GLU B 106 3.39 22.81 -19.82
N PHE B 107 4.06 21.66 -19.85
CA PHE B 107 3.81 20.59 -18.89
C PHE B 107 4.10 21.03 -17.44
N LEU B 108 5.18 21.79 -17.23
CA LEU B 108 5.56 22.26 -15.90
C LEU B 108 4.51 23.22 -15.29
N ASN B 109 3.67 23.83 -16.13
CA ASN B 109 2.56 24.63 -15.60
C ASN B 109 1.28 23.82 -15.42
N LYS B 110 1.10 22.77 -16.21
CA LYS B 110 -0.03 21.88 -15.96
C LYS B 110 0.15 21.17 -14.61
N MET B 111 1.39 20.76 -14.31
CA MET B 111 1.73 20.04 -13.09
C MET B 111 1.41 20.84 -11.83
N THR B 112 1.73 22.14 -11.86
CA THR B 112 1.49 23.01 -10.72
C THR B 112 -0.02 23.31 -10.52
N GLU B 113 -0.69 23.77 -11.57
CA GLU B 113 -2.12 24.08 -11.51
C GLU B 113 -3.03 22.84 -11.64
N SER B 120 -4.47 15.54 -9.19
CA SER B 120 -3.67 14.32 -9.34
C SER B 120 -2.69 14.44 -10.50
N THR B 121 -1.46 14.81 -10.16
CA THR B 121 -0.44 14.95 -11.18
C THR B 121 0.15 13.59 -11.56
N SER B 122 -0.38 12.51 -11.00
CA SER B 122 0.15 11.19 -11.33
C SER B 122 -0.22 10.72 -12.73
N GLU B 123 -1.38 11.15 -13.23
CA GLU B 123 -1.81 10.84 -14.60
C GLU B 123 -1.10 11.70 -15.65
N LEU B 124 -0.70 12.90 -15.25
CA LEU B 124 -0.02 13.84 -16.15
C LEU B 124 1.35 13.29 -16.53
N ILE B 125 2.07 12.78 -15.53
CA ILE B 125 3.39 12.23 -15.71
C ILE B 125 3.38 11.08 -16.70
N GLY B 126 2.35 10.25 -16.62
CA GLY B 126 2.18 9.16 -17.57
C GLY B 126 2.08 9.67 -18.99
N GLN B 127 1.32 10.75 -19.18
CA GLN B 127 1.05 11.28 -20.50
C GLN B 127 2.29 11.86 -21.18
N PHE B 128 3.07 12.64 -20.44
CA PHE B 128 4.22 13.35 -21.03
C PHE B 128 5.50 12.50 -21.12
N GLY B 129 5.44 11.24 -20.68
CA GLY B 129 6.52 10.28 -20.85
C GLY B 129 7.77 10.46 -19.99
N VAL B 130 7.61 11.19 -18.89
CA VAL B 130 8.75 11.62 -18.10
C VAL B 130 8.71 10.94 -16.73
N GLY B 131 8.04 9.80 -16.68
CA GLY B 131 7.92 9.07 -15.43
C GLY B 131 9.15 8.36 -14.93
N PHE B 132 10.27 8.44 -15.66
CA PHE B 132 11.54 7.87 -15.20
C PHE B 132 11.96 8.52 -13.89
N TYR B 133 11.77 9.82 -13.84
CA TYR B 133 12.27 10.63 -12.74
C TYR B 133 11.53 10.34 -11.44
N SER B 134 10.39 9.67 -11.55
CA SER B 134 9.63 9.31 -10.36
C SER B 134 10.42 8.32 -9.51
N ALA B 135 11.50 7.78 -10.09
CA ALA B 135 12.36 6.86 -9.36
C ALA B 135 13.00 7.53 -8.14
N PHE B 136 13.25 8.84 -8.23
CA PHE B 136 13.87 9.56 -7.15
C PHE B 136 12.93 9.72 -5.97
N LEU B 137 11.68 9.32 -6.13
CA LEU B 137 10.75 9.30 -5.00
C LEU B 137 11.17 8.24 -3.99
N VAL B 138 11.83 7.20 -4.46
CA VAL B 138 12.20 6.08 -3.59
C VAL B 138 13.70 5.78 -3.60
N ALA B 139 14.46 6.52 -4.39
CA ALA B 139 15.88 6.19 -4.58
C ALA B 139 16.75 7.35 -4.25
N ASP B 140 17.90 7.07 -3.66
CA ASP B 140 18.87 8.11 -3.39
C ASP B 140 19.75 8.24 -4.60
N LYS B 141 19.87 7.14 -5.31
CA LYS B 141 20.72 7.07 -6.49
C LYS B 141 20.01 6.21 -7.51
N VAL B 142 20.08 6.60 -8.79
CA VAL B 142 19.49 5.80 -9.84
C VAL B 142 20.55 5.45 -10.86
N ILE B 143 20.62 4.19 -11.26
CA ILE B 143 21.63 3.80 -12.23
C ILE B 143 20.98 3.19 -13.48
N VAL B 144 21.41 3.64 -14.65
CA VAL B 144 20.87 3.07 -15.88
C VAL B 144 21.98 2.44 -16.71
N THR B 145 21.91 1.14 -16.85
CA THR B 145 22.84 0.39 -17.67
C THR B 145 22.17 0.10 -19.00
N SER B 146 22.81 0.45 -20.09
CA SER B 146 22.11 0.33 -21.35
C SER B 146 23.04 -0.11 -22.47
N LYS B 147 22.56 -1.06 -23.24
CA LYS B 147 23.21 -1.53 -24.45
C LYS B 147 22.28 -1.35 -25.69
N HIS B 148 22.69 -0.44 -26.56
CA HIS B 148 21.98 -0.17 -27.80
C HIS B 148 22.72 -0.85 -28.98
N ASN B 149 21.97 -1.31 -29.98
CA ASN B 149 22.61 -2.07 -31.07
C ASN B 149 23.75 -1.32 -31.74
N ASN B 150 23.66 0.01 -31.74
CA ASN B 150 24.64 0.86 -32.41
C ASN B 150 25.80 1.31 -31.55
N ASP B 151 25.89 0.78 -30.32
CA ASP B 151 26.88 1.31 -29.40
C ASP B 151 27.36 0.28 -28.38
N THR B 152 28.34 0.65 -27.60
CA THR B 152 28.78 -0.24 -26.54
C THR B 152 27.94 0.01 -25.28
N GLN B 153 28.06 -0.87 -24.30
CA GLN B 153 27.32 -0.69 -23.06
C GLN B 153 27.79 0.50 -22.21
N HIS B 154 26.84 1.35 -21.82
CA HIS B 154 27.18 2.49 -20.98
C HIS B 154 26.37 2.53 -19.69
N ILE B 155 26.90 3.27 -18.71
CA ILE B 155 26.26 3.38 -17.41
C ILE B 155 26.04 4.84 -17.09
N TRP B 156 24.80 5.13 -16.70
CA TRP B 156 24.32 6.45 -16.35
C TRP B 156 23.98 6.47 -14.89
N GLU B 157 24.58 7.40 -14.14
CA GLU B 157 24.32 7.42 -12.70
C GLU B 157 24.01 8.82 -12.21
N SER B 158 23.08 8.90 -11.27
CA SER B 158 22.68 10.18 -10.70
C SER B 158 22.10 10.08 -9.28
N ASP B 159 22.37 11.10 -8.48
CA ASP B 159 21.73 11.28 -7.18
C ASP B 159 20.76 12.45 -7.25
N SER B 160 20.46 12.88 -8.49
CA SER B 160 19.58 14.01 -8.85
C SER B 160 20.32 15.34 -8.87
N ASN B 161 21.54 15.37 -8.34
CA ASN B 161 22.26 16.62 -8.19
C ASN B 161 23.21 16.87 -9.31
N GLU B 162 23.36 15.85 -10.14
CA GLU B 162 24.20 15.87 -11.31
C GLU B 162 24.10 14.47 -11.87
N PHE B 163 24.75 14.23 -13.00
CA PHE B 163 24.85 12.85 -13.45
C PHE B 163 26.13 12.61 -14.24
N SER B 164 26.49 11.34 -14.36
CA SER B 164 27.59 10.98 -15.22
C SER B 164 27.25 9.77 -16.09
N VAL B 165 27.92 9.75 -17.24
CA VAL B 165 27.87 8.65 -18.17
C VAL B 165 29.28 8.13 -18.45
N ILE B 166 29.47 6.82 -18.27
CA ILE B 166 30.75 6.16 -18.51
C ILE B 166 30.58 4.88 -19.32
N ALA B 167 31.65 4.49 -20.00
CA ALA B 167 31.74 3.16 -20.56
C ALA B 167 31.64 2.14 -19.42
N ASP B 168 30.79 1.14 -19.62
CA ASP B 168 30.63 0.06 -18.66
C ASP B 168 31.86 -0.83 -18.72
N PRO B 169 32.62 -0.88 -17.61
CA PRO B 169 33.86 -1.67 -17.55
C PRO B 169 33.59 -3.16 -17.72
N ARG B 170 32.35 -3.58 -17.54
CA ARG B 170 31.98 -4.99 -17.60
C ARG B 170 31.74 -5.51 -19.02
N GLY B 171 31.73 -4.60 -19.99
CA GLY B 171 31.50 -4.95 -21.38
C GLY B 171 30.03 -5.12 -21.67
N ASN B 172 29.69 -5.89 -22.70
CA ASN B 172 28.29 -6.07 -23.06
C ASN B 172 27.71 -7.25 -22.29
N THR B 173 27.11 -6.96 -21.14
CA THR B 173 26.47 -8.01 -20.37
C THR B 173 24.96 -8.04 -20.67
N LEU B 174 24.41 -6.94 -21.17
CA LEU B 174 22.96 -6.87 -21.43
C LEU B 174 22.57 -7.56 -22.74
N GLY B 175 23.49 -7.65 -23.70
CA GLY B 175 23.14 -8.11 -25.03
C GLY B 175 22.43 -7.02 -25.82
N ARG B 176 21.29 -6.59 -25.29
CA ARG B 176 20.59 -5.41 -25.76
C ARG B 176 19.57 -5.02 -24.73
N GLY B 177 19.51 -3.73 -24.41
CA GLY B 177 18.50 -3.28 -23.48
C GLY B 177 18.97 -2.38 -22.34
N THR B 178 18.24 -2.46 -21.24
CA THR B 178 18.37 -1.50 -20.17
C THR B 178 17.99 -2.10 -18.83
N THR B 179 18.84 -1.85 -17.84
CA THR B 179 18.50 -2.10 -16.47
C THR B 179 18.37 -0.77 -15.79
N ILE B 180 17.28 -0.58 -15.07
CA ILE B 180 17.19 0.51 -14.13
C ILE B 180 17.50 -0.05 -12.73
N THR B 181 18.49 0.51 -12.05
CA THR B 181 18.88 0.05 -10.72
C THR B 181 18.64 1.12 -9.69
N LEU B 182 17.90 0.81 -8.65
CA LEU B 182 17.62 1.79 -7.61
C LEU B 182 18.29 1.47 -6.27
N VAL B 183 19.03 2.45 -5.77
CA VAL B 183 19.52 2.43 -4.41
C VAL B 183 18.45 3.02 -3.54
N LEU B 184 17.71 2.17 -2.84
CA LEU B 184 16.51 2.64 -2.16
C LEU B 184 16.79 3.52 -0.95
N LYS B 185 15.90 4.48 -0.73
CA LYS B 185 15.93 5.30 0.46
C LYS B 185 15.60 4.43 1.66
N GLU B 186 15.78 5.00 2.86
CA GLU B 186 15.44 4.36 4.13
C GLU B 186 13.97 3.98 4.13
N GLU B 187 13.12 4.94 3.81
CA GLU B 187 11.67 4.76 3.93
C GLU B 187 11.10 3.92 2.78
N ALA B 188 11.92 3.63 1.78
CA ALA B 188 11.48 2.88 0.62
C ALA B 188 11.89 1.42 0.71
N SER B 189 12.28 1.01 1.92
CA SER B 189 12.78 -0.34 2.16
C SER B 189 11.71 -1.39 1.97
N ASP B 190 10.46 -1.00 2.24
CA ASP B 190 9.32 -1.88 1.93
C ASP B 190 9.52 -2.59 0.56
N TYR B 191 10.07 -1.88 -0.43
CA TYR B 191 10.11 -2.38 -1.81
C TYR B 191 11.15 -3.48 -2.07
N LEU B 192 11.74 -4.06 -1.03
CA LEU B 192 12.68 -5.18 -1.22
C LEU B 192 12.00 -6.53 -0.95
N GLU B 193 10.85 -6.49 -0.29
CA GLU B 193 10.13 -7.71 0.08
C GLU B 193 9.46 -8.29 -1.15
N LEU B 194 9.66 -9.58 -1.40
CA LEU B 194 9.09 -10.17 -2.62
C LEU B 194 7.57 -10.15 -2.67
N ASP B 195 6.90 -10.42 -1.57
CA ASP B 195 5.45 -10.25 -1.54
C ASP B 195 5.04 -8.85 -2.02
N THR B 196 5.68 -7.83 -1.46
CA THR B 196 5.30 -6.45 -1.74
C THR B 196 5.49 -6.10 -3.23
N ILE B 197 6.66 -6.36 -3.80
CA ILE B 197 6.89 -6.01 -5.20
C ILE B 197 6.14 -6.93 -6.13
N LYS B 198 6.02 -8.21 -5.78
CA LYS B 198 5.19 -9.14 -6.56
C LYS B 198 3.77 -8.64 -6.73
N ASN B 199 3.14 -8.19 -5.66
CA ASN B 199 1.77 -7.70 -5.76
C ASN B 199 1.75 -6.48 -6.67
N LEU B 200 2.74 -5.62 -6.47
CA LEU B 200 2.82 -4.36 -7.19
C LEU B 200 3.08 -4.56 -8.68
N VAL B 201 3.89 -5.53 -9.04
CA VAL B 201 4.10 -5.84 -10.46
C VAL B 201 2.85 -6.49 -11.08
N LYS B 202 2.27 -7.44 -10.33
CA LYS B 202 1.02 -8.10 -10.71
C LYS B 202 0.04 -7.02 -11.14
N LYS B 203 -0.14 -6.02 -10.28
CA LYS B 203 -1.07 -4.92 -10.57
C LYS B 203 -0.67 -4.06 -11.78
N TYR B 204 0.55 -3.56 -11.81
CA TYR B 204 0.93 -2.55 -12.79
C TYR B 204 1.42 -3.14 -14.11
N SER B 205 1.10 -4.40 -14.39
CA SER B 205 1.60 -5.02 -15.63
C SER B 205 0.56 -5.84 -16.39
N GLN B 206 -0.71 -5.64 -16.10
CA GLN B 206 -1.77 -6.39 -16.74
C GLN B 206 -1.91 -6.10 -18.23
N PHE B 207 -1.92 -4.82 -18.54
CA PHE B 207 -2.21 -4.34 -19.88
C PHE B 207 -0.98 -4.32 -20.79
N ILE B 208 0.12 -4.85 -20.23
CA ILE B 208 1.43 -4.88 -20.86
C ILE B 208 1.53 -6.16 -21.70
N ASN B 209 2.04 -6.08 -22.93
CA ASN B 209 2.07 -7.28 -23.76
C ASN B 209 3.48 -7.75 -24.03
N PHE B 210 4.26 -7.81 -22.96
CA PHE B 210 5.47 -8.61 -22.93
C PHE B 210 5.46 -9.34 -21.61
N PRO B 211 6.06 -10.53 -21.57
CA PRO B 211 6.05 -11.22 -20.28
C PRO B 211 6.91 -10.47 -19.25
N ILE B 212 6.41 -10.34 -18.01
CA ILE B 212 7.16 -9.69 -16.95
C ILE B 212 7.44 -10.63 -15.78
N TYR B 213 8.72 -10.84 -15.53
CA TYR B 213 9.12 -11.75 -14.48
C TYR B 213 9.72 -11.06 -13.26
N VAL B 214 9.50 -11.70 -12.11
CA VAL B 214 10.22 -11.35 -10.89
C VAL B 214 11.05 -12.54 -10.45
N TRP B 215 12.32 -12.30 -10.10
CA TRP B 215 13.19 -13.36 -9.56
C TRP B 215 12.69 -13.74 -8.16
N SER B 216 12.09 -14.92 -8.02
CA SER B 216 11.37 -15.21 -6.79
C SER B 216 11.75 -16.54 -6.13
N SER B 217 11.27 -16.75 -4.92
CA SER B 217 11.52 -18.01 -4.21
C SER B 217 10.23 -18.81 -4.06
N LYS B 218 10.23 -20.04 -4.56
CA LYS B 218 9.10 -20.93 -4.39
C LYS B 218 9.64 -22.12 -3.63
N THR B 219 8.77 -22.87 -2.96
CA THR B 219 9.18 -23.99 -2.10
C THR B 219 9.30 -25.33 -2.84
N THR B 225 14.91 -23.75 -0.23
CA THR B 225 14.28 -23.96 -1.52
C THR B 225 15.01 -23.19 -2.65
N VAL B 226 14.34 -23.00 -3.79
CA VAL B 226 15.01 -22.54 -5.02
C VAL B 226 14.61 -21.12 -5.48
N TRP B 227 15.34 -20.60 -6.47
CA TRP B 227 15.07 -19.29 -7.05
C TRP B 227 15.02 -19.36 -8.58
N ASP B 228 13.99 -18.73 -9.16
CA ASP B 228 13.80 -18.69 -10.61
C ASP B 228 12.89 -17.52 -11.02
N TRP B 229 12.83 -17.26 -12.32
CA TRP B 229 11.90 -16.26 -12.85
C TRP B 229 10.49 -16.76 -12.67
N GLU B 230 9.63 -15.91 -12.11
CA GLU B 230 8.23 -16.21 -11.95
C GLU B 230 7.37 -15.21 -12.74
N LEU B 231 6.45 -15.74 -13.53
CA LEU B 231 5.62 -14.92 -14.40
C LEU B 231 4.52 -14.21 -13.63
N MET B 232 4.28 -12.95 -13.98
CA MET B 232 3.31 -12.14 -13.28
C MET B 232 2.14 -11.66 -14.17
N ASN B 233 2.15 -11.99 -15.46
CA ASN B 233 1.09 -11.55 -16.36
C ASN B 233 0.83 -12.46 -17.54
#